data_2WAH
#
_entry.id   2WAH
#
_cell.length_a   49.391
_cell.length_b   74.977
_cell.length_c   149.200
_cell.angle_alpha   90.00
_cell.angle_beta   90.00
_cell.angle_gamma   90.00
#
_symmetry.space_group_name_H-M   'P 21 21 21'
#
loop_
_entity.id
_entity.type
_entity.pdbx_description
1 polymer 'IG GAMMA-1 CHAIN C REGION'
2 branched alpha-D-mannopyranose-(1-2)-alpha-D-mannopyranose-(1-6)-[alpha-D-mannopyranose-(1-3)]alpha-D-mannopyranose-(1-6)-[alpha-D-mannopyranose-(1-2)-alpha-D-mannopyranose-(1-3)]beta-D-mannopyranose-(1-4)-2-acetamido-2-deoxy-beta-D-glucopyranose-(1-4)-2-acetamido-2-deoxy-beta-D-glucopyranose
3 branched beta-D-mannopyranose-(1-4)-2-acetamido-2-deoxy-beta-D-glucopyranose-(1-4)-2-acetamido-2-deoxy-beta-D-glucopyranose
4 water water
#
_entity_poly.entity_id   1
_entity_poly.type   'polypeptide(L)'
_entity_poly.pdbx_seq_one_letter_code
;GPSVFLFPPKPKDTLMISRTPEVTCVVVDVSHEDPEVKFNWYVDGVEVHNAKTKPREEQYNSTYRVVSVLTVLHQDWLNG
KEYKCKVSNKALPAPIEKTISKAKGQPREPQVYTLPPSRDELTKNQVSLTCLVKGFYPSDIAVEWESNGQPENNYKATPP
VLDSDGSFFLYSKLTVDKSRWQQGNVFSCSVMHEALHNHYTQKSLSLSP
;
_entity_poly.pdbx_strand_id   A,B
#
loop_
_chem_comp.id
_chem_comp.type
_chem_comp.name
_chem_comp.formula
BMA D-saccharide, beta linking beta-D-mannopyranose 'C6 H12 O6'
MAN D-saccharide, alpha linking alpha-D-mannopyranose 'C6 H12 O6'
NAG D-saccharide, beta linking 2-acetamido-2-deoxy-beta-D-glucopyranose 'C8 H15 N O6'
#
# COMPACT_ATOMS: atom_id res chain seq x y z
N PRO A 2 -21.05 18.91 -10.78
CA PRO A 2 -19.87 19.61 -10.22
C PRO A 2 -19.47 19.05 -8.86
N SER A 3 -18.22 18.58 -8.75
CA SER A 3 -17.75 17.91 -7.52
C SER A 3 -16.58 18.65 -6.85
N VAL A 4 -16.49 18.51 -5.53
CA VAL A 4 -15.47 19.19 -4.72
C VAL A 4 -14.51 18.21 -4.04
N PHE A 5 -13.22 18.51 -4.11
CA PHE A 5 -12.21 17.69 -3.43
C PHE A 5 -11.25 18.62 -2.72
N LEU A 6 -11.08 18.35 -1.41
CA LEU A 6 -10.33 19.21 -0.52
C LEU A 6 -9.06 18.52 -0.03
N PHE A 7 -7.94 19.20 -0.17
CA PHE A 7 -6.63 18.59 0.05
C PHE A 7 -5.89 19.23 1.23
N PRO A 8 -5.32 18.39 2.10
CA PRO A 8 -4.54 18.88 3.23
C PRO A 8 -3.20 19.38 2.76
N PRO A 9 -2.52 20.17 3.58
CA PRO A 9 -1.16 20.55 3.22
C PRO A 9 -0.25 19.35 3.23
N LYS A 10 0.90 19.47 2.57
CA LYS A 10 1.94 18.45 2.56
C LYS A 10 2.55 18.34 3.96
N PRO A 11 2.87 17.13 4.42
CA PRO A 11 3.43 16.99 5.78
C PRO A 11 4.69 17.81 6.06
N LYS A 12 5.65 17.80 5.13
CA LYS A 12 6.89 18.57 5.28
C LYS A 12 6.59 20.06 5.51
N ASP A 13 5.59 20.59 4.80
CA ASP A 13 5.22 22.01 4.88
C ASP A 13 4.68 22.43 6.26
N THR A 14 4.12 21.50 7.01
CA THR A 14 3.46 21.84 8.29
C THR A 14 4.42 21.64 9.45
N LEU A 15 5.40 20.78 9.23
CA LEU A 15 6.40 20.41 10.20
C LEU A 15 7.58 21.38 10.21
N MET A 16 7.64 22.26 9.22
CA MET A 16 8.81 23.12 9.02
C MET A 16 8.40 24.57 8.81
N ILE A 17 8.69 25.42 9.82
CA ILE A 17 8.18 26.80 9.82
C ILE A 17 8.63 27.65 8.63
N SER A 18 9.75 27.32 8.02
CA SER A 18 10.20 28.06 6.83
C SER A 18 9.34 27.79 5.59
N ARG A 19 8.63 26.68 5.56
CA ARG A 19 7.78 26.35 4.41
C ARG A 19 6.36 26.85 4.61
N THR A 20 5.56 26.80 3.56
CA THR A 20 4.26 27.43 3.61
C THR A 20 3.15 26.40 3.37
N PRO A 21 2.49 25.92 4.43
CA PRO A 21 1.44 24.92 4.27
C PRO A 21 0.14 25.52 3.70
N GLU A 22 -0.51 24.77 2.81
CA GLU A 22 -1.74 25.22 2.15
C GLU A 22 -2.76 24.11 2.16
N VAL A 23 -4.04 24.47 2.28
CA VAL A 23 -5.14 23.56 1.98
C VAL A 23 -5.72 23.99 0.63
N THR A 24 -6.10 23.02 -0.20
CA THR A 24 -6.52 23.27 -1.56
C THR A 24 -7.91 22.71 -1.82
N CYS A 25 -8.80 23.60 -2.23
CA CYS A 25 -10.15 23.24 -2.59
C CYS A 25 -10.27 23.24 -4.11
N VAL A 26 -10.53 22.08 -4.68
CA VAL A 26 -10.58 21.89 -6.15
C VAL A 26 -11.99 21.53 -6.55
N VAL A 27 -12.60 22.36 -7.38
CA VAL A 27 -13.91 22.08 -7.90
C VAL A 27 -13.75 21.64 -9.34
N VAL A 28 -14.29 20.46 -9.67
CA VAL A 28 -14.29 19.95 -11.04
C VAL A 28 -15.71 19.86 -11.59
N ASP A 29 -15.82 19.47 -12.86
CA ASP A 29 -17.10 19.34 -13.57
C ASP A 29 -17.98 20.60 -13.48
N VAL A 30 -17.34 21.76 -13.60
CA VAL A 30 -18.06 23.03 -13.73
C VAL A 30 -18.40 23.25 -15.21
N SER A 31 -19.66 23.57 -15.50
CA SER A 31 -20.16 23.64 -16.88
C SER A 31 -19.84 24.94 -17.59
N HIS A 32 -19.94 24.92 -18.92
CA HIS A 32 -19.93 26.14 -19.74
C HIS A 32 -21.18 26.94 -19.44
N GLU A 33 -22.30 26.23 -19.37
CA GLU A 33 -23.62 26.79 -19.05
C GLU A 33 -23.67 27.56 -17.71
N ASP A 34 -22.92 27.12 -16.70
CA ASP A 34 -22.86 27.78 -15.38
C ASP A 34 -21.42 27.80 -14.86
N PRO A 35 -20.61 28.77 -15.32
CA PRO A 35 -19.15 28.73 -15.19
C PRO A 35 -18.53 29.51 -14.03
N GLU A 36 -19.34 30.18 -13.22
CA GLU A 36 -18.80 30.94 -12.08
C GLU A 36 -18.96 30.20 -10.76
N VAL A 37 -17.89 30.21 -9.98
CA VAL A 37 -17.87 29.53 -8.68
C VAL A 37 -17.54 30.53 -7.59
N LYS A 38 -18.21 30.40 -6.44
CA LYS A 38 -17.90 31.21 -5.25
C LYS A 38 -17.50 30.34 -4.06
N PHE A 39 -16.29 30.57 -3.55
CA PHE A 39 -15.78 29.88 -2.36
C PHE A 39 -16.03 30.70 -1.09
N ASN A 40 -16.27 29.99 0.02
CA ASN A 40 -16.24 30.60 1.36
C ASN A 40 -15.39 29.72 2.28
N TRP A 41 -14.42 30.35 2.94
CA TRP A 41 -13.43 29.61 3.72
C TRP A 41 -13.62 29.86 5.21
N TYR A 42 -13.62 28.78 6.00
CA TYR A 42 -13.80 28.87 7.45
C TYR A 42 -12.76 28.03 8.19
N VAL A 43 -12.14 28.60 9.21
CA VAL A 43 -11.31 27.86 10.16
C VAL A 43 -12.05 27.73 11.49
N ASP A 44 -12.23 26.49 11.96
CA ASP A 44 -13.06 26.24 13.15
C ASP A 44 -14.34 27.08 13.10
N GLY A 45 -15.07 26.95 12.00
CA GLY A 45 -16.37 27.63 11.85
C GLY A 45 -16.35 29.16 11.66
N VAL A 46 -15.16 29.76 11.63
CA VAL A 46 -15.01 31.22 11.55
C VAL A 46 -14.51 31.60 10.17
N GLU A 47 -15.31 32.37 9.42
CA GLU A 47 -15.00 32.75 8.02
C GLU A 47 -13.68 33.52 7.93
N VAL A 48 -12.83 33.11 6.98
CA VAL A 48 -11.56 33.79 6.70
C VAL A 48 -11.56 34.29 5.26
N HIS A 49 -10.66 35.23 4.96
CA HIS A 49 -10.71 35.99 3.72
C HIS A 49 -9.40 36.04 2.93
N ASN A 50 -8.38 35.31 3.37
CA ASN A 50 -7.08 35.36 2.70
C ASN A 50 -6.86 34.34 1.56
N ALA A 51 -7.90 33.65 1.11
CA ALA A 51 -7.71 32.61 0.09
C ALA A 51 -7.48 33.19 -1.30
N LYS A 52 -6.59 32.55 -2.05
CA LYS A 52 -6.28 32.92 -3.43
C LYS A 52 -6.93 31.94 -4.40
N THR A 53 -7.85 32.43 -5.23
CA THR A 53 -8.57 31.60 -6.19
C THR A 53 -7.96 31.74 -7.57
N LYS A 54 -7.77 30.59 -8.24
CA LYS A 54 -7.24 30.60 -9.60
C LYS A 54 -8.35 31.00 -10.57
N PRO A 55 -7.97 31.59 -11.72
CA PRO A 55 -8.94 31.73 -12.81
C PRO A 55 -9.27 30.35 -13.38
N ARG A 56 -10.55 30.10 -13.69
CA ARG A 56 -11.00 28.79 -14.15
C ARG A 56 -10.23 28.30 -15.37
N GLU A 57 -9.95 26.99 -15.42
CA GLU A 57 -9.23 26.39 -16.55
C GLU A 57 -10.01 25.27 -17.24
N GLU A 58 -10.19 25.39 -18.55
CA GLU A 58 -10.92 24.39 -19.33
C GLU A 58 -10.10 23.11 -19.47
N GLN A 59 -10.73 21.98 -19.16
CA GLN A 59 -10.11 20.66 -19.32
C GLN A 59 -10.30 20.11 -20.73
N TYR A 60 -9.62 19.01 -21.01
CA TYR A 60 -9.75 18.32 -22.29
C TYR A 60 -11.15 17.72 -22.44
N ASN A 61 -11.83 17.43 -21.34
CA ASN A 61 -13.19 16.85 -21.41
C ASN A 61 -14.32 17.90 -21.46
N SER A 62 -13.98 19.14 -21.86
CA SER A 62 -14.94 20.22 -22.11
C SER A 62 -15.56 20.85 -20.86
N THR A 63 -14.97 20.58 -19.70
CA THR A 63 -15.45 21.11 -18.43
C THR A 63 -14.41 22.07 -17.86
N TYR A 64 -14.78 22.79 -16.82
CA TYR A 64 -13.88 23.74 -16.15
C TYR A 64 -13.41 23.17 -14.82
N ARG A 65 -12.16 23.50 -14.49
CA ARG A 65 -11.55 23.21 -13.20
C ARG A 65 -11.25 24.53 -12.51
N VAL A 66 -11.70 24.68 -11.26
CA VAL A 66 -11.50 25.90 -10.50
C VAL A 66 -10.90 25.51 -9.16
N VAL A 67 -9.90 26.28 -8.74
CA VAL A 67 -9.09 25.90 -7.60
C VAL A 67 -8.93 27.09 -6.68
N SER A 68 -9.12 26.86 -5.39
CA SER A 68 -8.90 27.87 -4.38
C SER A 68 -7.90 27.33 -3.35
N VAL A 69 -6.98 28.19 -2.94
CA VAL A 69 -5.90 27.81 -2.02
C VAL A 69 -5.89 28.74 -0.80
N LEU A 70 -5.98 28.12 0.39
CA LEU A 70 -5.87 28.81 1.66
C LEU A 70 -4.56 28.45 2.34
N THR A 71 -3.75 29.47 2.66
CA THR A 71 -2.57 29.28 3.51
C THR A 71 -3.04 29.09 4.93
N VAL A 72 -2.47 28.11 5.61
CA VAL A 72 -2.83 27.82 6.98
C VAL A 72 -1.60 27.98 7.84
N LEU A 73 -1.80 28.34 9.11
CA LEU A 73 -0.72 28.51 10.05
C LEU A 73 -0.29 27.12 10.55
N HIS A 74 1.02 26.86 10.60
CA HIS A 74 1.53 25.53 10.93
C HIS A 74 0.91 25.02 12.22
N GLN A 75 0.86 25.88 13.22
CA GLN A 75 0.41 25.46 14.54
C GLN A 75 -1.09 25.19 14.60
N ASP A 76 -1.87 25.86 13.76
CA ASP A 76 -3.31 25.59 13.72
C ASP A 76 -3.57 24.22 13.15
N TRP A 77 -2.84 23.85 12.11
CA TRP A 77 -3.03 22.55 11.50
C TRP A 77 -2.64 21.49 12.52
N LEU A 78 -1.45 21.65 13.08
CA LEU A 78 -0.94 20.67 14.02
C LEU A 78 -1.81 20.60 15.26
N ASN A 79 -2.52 21.68 15.61
CA ASN A 79 -3.38 21.73 16.80
C ASN A 79 -4.80 21.25 16.51
N GLY A 80 -5.03 20.75 15.30
CA GLY A 80 -6.28 20.07 14.96
C GLY A 80 -7.42 20.94 14.50
N LYS A 81 -7.17 22.20 14.19
CA LYS A 81 -8.22 23.07 13.66
C LYS A 81 -8.79 22.48 12.37
N GLU A 82 -10.08 22.76 12.13
CA GLU A 82 -10.80 22.27 10.96
C GLU A 82 -10.93 23.34 9.89
N TYR A 83 -10.71 22.95 8.65
CA TYR A 83 -10.81 23.86 7.52
C TYR A 83 -11.97 23.45 6.61
N LYS A 84 -12.90 24.39 6.42
CA LYS A 84 -14.07 24.14 5.60
C LYS A 84 -13.99 24.94 4.33
N CYS A 85 -14.26 24.27 3.21
CA CYS A 85 -14.36 24.93 1.93
C CYS A 85 -15.81 24.81 1.49
N LYS A 86 -16.47 25.95 1.25
CA LYS A 86 -17.86 25.97 0.75
C LYS A 86 -17.85 26.51 -0.68
N VAL A 87 -18.54 25.81 -1.58
CA VAL A 87 -18.52 26.12 -3.00
C VAL A 87 -19.95 26.35 -3.52
N SER A 88 -20.18 27.46 -4.23
CA SER A 88 -21.52 27.80 -4.75
C SER A 88 -21.54 27.85 -6.28
N ASN A 89 -22.62 27.36 -6.87
CA ASN A 89 -22.78 27.36 -8.33
C ASN A 89 -24.25 27.38 -8.71
N LYS A 90 -24.58 28.09 -9.77
CA LYS A 90 -25.99 28.24 -10.19
C LYS A 90 -26.63 26.94 -10.70
N ALA A 91 -25.82 25.92 -10.99
CA ALA A 91 -26.31 24.56 -11.28
C ALA A 91 -26.05 23.66 -10.06
N LEU A 92 -26.48 24.14 -8.91
CA LEU A 92 -26.25 23.46 -7.64
C LEU A 92 -27.39 23.89 -6.70
N PRO A 93 -28.20 22.92 -6.22
CA PRO A 93 -29.34 23.32 -5.40
C PRO A 93 -28.91 23.81 -4.02
N ALA A 94 -27.98 23.09 -3.41
CA ALA A 94 -27.36 23.52 -2.16
C ALA A 94 -25.85 23.47 -2.32
N PRO A 95 -25.14 24.48 -1.80
CA PRO A 95 -23.69 24.51 -2.03
C PRO A 95 -23.00 23.34 -1.33
N ILE A 96 -21.92 22.82 -1.90
CA ILE A 96 -21.21 21.69 -1.32
C ILE A 96 -20.22 22.19 -0.26
N GLU A 97 -20.27 21.60 0.92
CA GLU A 97 -19.29 21.86 1.98
C GLU A 97 -18.39 20.64 2.16
N LYS A 98 -17.09 20.90 2.36
CA LYS A 98 -16.11 19.85 2.68
C LYS A 98 -15.28 20.31 3.87
N THR A 99 -14.95 19.40 4.77
CA THR A 99 -14.19 19.77 5.95
C THR A 99 -13.01 18.83 6.15
N ILE A 100 -11.85 19.42 6.42
CA ILE A 100 -10.63 18.66 6.59
C ILE A 100 -9.83 19.14 7.82
N SER A 101 -9.13 18.19 8.43
CA SER A 101 -8.23 18.44 9.55
C SER A 101 -7.23 17.28 9.71
N LYS A 102 -6.23 17.48 10.56
CA LYS A 102 -5.19 16.47 10.81
C LYS A 102 -5.80 15.20 11.36
N ALA A 103 -5.14 14.07 11.11
CA ALA A 103 -5.59 12.79 11.65
C ALA A 103 -5.63 12.89 13.16
N LYS A 104 -6.74 12.47 13.74
CA LYS A 104 -6.86 12.40 15.19
C LYS A 104 -6.11 11.18 15.75
N GLY A 105 -5.91 11.18 17.06
CA GLY A 105 -5.18 10.12 17.75
C GLY A 105 -3.92 10.61 18.42
N GLN A 106 -3.53 9.96 19.51
CA GLN A 106 -2.34 10.33 20.28
C GLN A 106 -1.08 10.17 19.44
N PRO A 107 -0.23 11.21 19.39
CA PRO A 107 1.01 11.04 18.67
C PRO A 107 1.99 10.15 19.37
N ARG A 108 2.65 9.31 18.58
CA ARG A 108 3.76 8.52 19.04
C ARG A 108 4.98 8.91 18.16
N GLU A 109 6.14 8.93 18.79
CA GLU A 109 7.38 9.36 18.16
C GLU A 109 8.00 8.23 17.32
N PRO A 110 8.48 8.57 16.11
CA PRO A 110 9.14 7.55 15.30
C PRO A 110 10.49 7.18 15.85
N GLN A 111 10.84 5.92 15.62
CA GLN A 111 12.15 5.37 15.90
C GLN A 111 12.75 5.09 14.54
N VAL A 112 13.95 5.61 14.29
CA VAL A 112 14.57 5.56 12.98
C VAL A 112 15.81 4.66 13.02
N TYR A 113 15.90 3.71 12.09
CA TYR A 113 17.02 2.77 12.03
C TYR A 113 17.57 2.60 10.60
N THR A 114 18.85 2.95 10.40
CA THR A 114 19.52 2.65 9.14
C THR A 114 20.12 1.24 9.18
N LEU A 115 19.84 0.46 8.15
CA LEU A 115 20.37 -0.89 8.05
C LEU A 115 21.25 -0.98 6.80
N PRO A 116 22.49 -1.44 6.95
CA PRO A 116 23.33 -1.60 5.76
C PRO A 116 22.82 -2.69 4.80
N PRO A 117 23.44 -2.79 3.60
CA PRO A 117 23.04 -3.85 2.68
C PRO A 117 23.49 -5.21 3.21
N SER A 118 22.70 -6.24 2.95
CA SER A 118 23.07 -7.62 3.26
C SER A 118 24.34 -8.05 2.51
N ARG A 119 25.23 -8.74 3.22
CA ARG A 119 26.41 -9.36 2.61
C ARG A 119 26.14 -10.04 1.25
N ASP A 120 25.02 -10.73 1.11
CA ASP A 120 24.66 -11.39 -0.16
C ASP A 120 24.45 -10.43 -1.35
N GLU A 121 24.17 -9.15 -1.08
CA GLU A 121 23.92 -8.17 -2.14
C GLU A 121 25.22 -7.60 -2.70
N LEU A 122 26.35 -7.88 -2.08
CA LEU A 122 27.65 -7.36 -2.56
C LEU A 122 28.10 -7.92 -3.93
N THR A 123 27.50 -9.01 -4.38
CA THR A 123 27.72 -9.56 -5.72
C THR A 123 27.05 -8.76 -6.83
N LYS A 124 26.21 -7.79 -6.46
CA LYS A 124 25.48 -6.95 -7.42
C LYS A 124 26.26 -5.67 -7.67
N ASN A 125 25.90 -4.96 -8.74
CA ASN A 125 26.52 -3.68 -9.07
C ASN A 125 25.95 -2.53 -8.27
N GLN A 126 24.72 -2.71 -7.79
CA GLN A 126 24.05 -1.75 -6.92
C GLN A 126 23.60 -2.42 -5.64
N VAL A 127 23.66 -1.68 -4.54
CA VAL A 127 23.30 -2.18 -3.23
C VAL A 127 22.15 -1.38 -2.65
N SER A 128 21.55 -1.92 -1.59
CA SER A 128 20.36 -1.32 -0.99
C SER A 128 20.64 -0.88 0.43
N LEU A 129 20.55 0.42 0.67
CA LEU A 129 20.60 0.98 2.01
C LEU A 129 19.16 1.19 2.48
N THR A 130 18.83 0.66 3.66
CA THR A 130 17.46 0.64 4.17
C THR A 130 17.25 1.53 5.39
N CYS A 131 16.13 2.25 5.40
CA CYS A 131 15.72 3.07 6.53
C CYS A 131 14.40 2.57 7.12
N LEU A 132 14.46 1.96 8.31
CA LEU A 132 13.26 1.52 9.05
C LEU A 132 12.78 2.65 9.97
N VAL A 133 11.58 3.14 9.69
CA VAL A 133 10.94 4.14 10.48
C VAL A 133 9.74 3.47 11.10
N LYS A 134 9.70 3.35 12.42
CA LYS A 134 8.62 2.60 13.05
C LYS A 134 8.05 3.26 14.29
N GLY A 135 6.91 2.76 14.73
CA GLY A 135 6.35 3.14 16.00
C GLY A 135 5.73 4.52 16.05
N PHE A 136 5.45 5.10 14.88
CA PHE A 136 4.92 6.45 14.78
C PHE A 136 3.42 6.55 14.52
N TYR A 137 2.84 7.67 14.98
CA TYR A 137 1.44 8.03 14.76
C TYR A 137 1.25 9.55 14.91
N PRO A 138 0.47 10.20 14.01
CA PRO A 138 -0.27 9.66 12.86
C PRO A 138 0.65 9.32 11.72
N SER A 139 0.04 8.89 10.61
CA SER A 139 0.75 8.32 9.46
C SER A 139 1.50 9.34 8.61
N ASP A 140 1.15 10.63 8.72
CA ASP A 140 1.74 11.70 7.90
C ASP A 140 3.17 11.91 8.28
N ILE A 141 4.07 11.78 7.32
CA ILE A 141 5.48 11.73 7.60
C ILE A 141 6.28 11.97 6.32
N ALA A 142 7.52 12.42 6.47
CA ALA A 142 8.44 12.62 5.36
C ALA A 142 9.79 11.97 5.73
N VAL A 143 10.28 11.14 4.82
CA VAL A 143 11.50 10.36 4.96
C VAL A 143 12.25 10.54 3.66
N GLU A 144 13.48 11.01 3.78
CA GLU A 144 14.27 11.39 2.64
C GLU A 144 15.70 10.93 2.84
N TRP A 145 16.42 10.73 1.75
CA TRP A 145 17.77 10.26 1.81
C TRP A 145 18.66 11.36 1.26
N GLU A 146 19.87 11.46 1.79
CA GLU A 146 20.87 12.32 1.19
C GLU A 146 22.30 11.89 1.52
N SER A 147 23.24 12.52 0.84
CA SER A 147 24.64 12.31 1.09
C SER A 147 25.34 13.59 0.81
N ASN A 148 26.27 13.94 1.68
CA ASN A 148 26.94 15.23 1.60
C ASN A 148 25.93 16.37 1.47
N GLY A 149 24.86 16.22 2.25
CA GLY A 149 23.82 17.23 2.30
C GLY A 149 23.03 17.44 1.02
N GLN A 150 23.05 16.46 0.12
CA GLN A 150 22.30 16.59 -1.12
C GLN A 150 21.42 15.40 -1.38
N PRO A 151 20.20 15.64 -1.88
CA PRO A 151 19.23 14.56 -2.01
C PRO A 151 19.68 13.45 -2.94
N GLU A 152 19.46 12.22 -2.53
CA GLU A 152 19.88 11.08 -3.32
C GLU A 152 18.86 10.75 -4.37
N ASN A 153 19.35 10.34 -5.54
CA ASN A 153 18.47 10.13 -6.67
C ASN A 153 17.58 8.91 -6.49
N ASN A 154 18.15 7.72 -6.54
CA ASN A 154 17.33 6.52 -6.67
C ASN A 154 16.86 5.95 -5.31
N TYR A 155 15.72 6.45 -4.80
CA TYR A 155 15.00 5.75 -3.71
C TYR A 155 13.47 5.72 -3.78
N LYS A 156 12.85 4.84 -2.99
CA LYS A 156 11.39 4.78 -2.87
C LYS A 156 11.06 4.33 -1.47
N ALA A 157 10.04 4.95 -0.90
CA ALA A 157 9.45 4.48 0.34
C ALA A 157 8.24 3.59 0.06
N THR A 158 7.98 2.69 1.00
CA THR A 158 6.72 2.01 1.06
C THR A 158 5.64 2.94 1.70
N PRO A 159 4.37 2.65 1.45
CA PRO A 159 3.35 3.33 2.25
C PRO A 159 3.51 2.97 3.74
N PRO A 160 2.98 3.81 4.64
CA PRO A 160 2.91 3.40 6.05
C PRO A 160 1.99 2.21 6.18
N VAL A 161 2.26 1.34 7.13
CA VAL A 161 1.50 0.13 7.33
C VAL A 161 1.08 0.13 8.79
N LEU A 162 -0.15 -0.27 9.09
CA LEU A 162 -0.58 -0.41 10.48
C LEU A 162 0.15 -1.59 11.16
N ASP A 163 0.82 -1.33 12.29
CA ASP A 163 1.56 -2.38 13.04
C ASP A 163 0.62 -2.95 14.13
N SER A 164 1.00 -4.03 14.81
CA SER A 164 0.10 -4.66 15.81
C SER A 164 -0.23 -3.77 17.00
N ASP A 165 0.65 -2.83 17.35
CA ASP A 165 0.40 -1.93 18.49
C ASP A 165 -0.46 -0.72 18.10
N GLY A 166 -0.93 -0.66 16.86
CA GLY A 166 -1.76 0.46 16.41
C GLY A 166 -0.95 1.65 15.92
N SER A 167 0.38 1.55 15.94
CA SER A 167 1.25 2.55 15.36
C SER A 167 1.60 2.15 13.95
N PHE A 168 2.28 3.04 13.23
CA PHE A 168 2.66 2.80 11.85
C PHE A 168 4.19 2.55 11.72
N PHE A 169 4.56 1.84 10.65
CA PHE A 169 5.97 1.70 10.23
C PHE A 169 6.09 1.87 8.73
N LEU A 170 7.29 2.16 8.26
CA LEU A 170 7.57 2.11 6.85
C LEU A 170 9.04 1.89 6.62
N TYR A 171 9.38 1.52 5.39
CA TYR A 171 10.75 1.32 5.00
C TYR A 171 11.02 2.22 3.79
N SER A 172 12.23 2.78 3.73
CA SER A 172 12.63 3.56 2.58
C SER A 172 13.89 2.91 2.04
N LYS A 173 13.89 2.62 0.75
CA LYS A 173 15.02 1.92 0.15
C LYS A 173 15.80 2.87 -0.74
N LEU A 174 17.09 3.04 -0.46
CA LEU A 174 17.99 3.83 -1.32
C LEU A 174 18.89 2.87 -2.08
N THR A 175 18.97 3.06 -3.39
CA THR A 175 19.83 2.25 -4.24
C THR A 175 21.04 3.08 -4.67
N VAL A 176 22.23 2.53 -4.42
CA VAL A 176 23.49 3.18 -4.78
C VAL A 176 24.43 2.16 -5.41
N ASP A 177 25.32 2.69 -6.26
CA ASP A 177 26.38 1.91 -6.83
C ASP A 177 27.20 1.31 -5.70
N LYS A 178 27.54 0.04 -5.83
CA LYS A 178 28.37 -0.67 -4.88
C LYS A 178 29.66 0.10 -4.57
N SER A 179 30.28 0.69 -5.59
CA SER A 179 31.55 1.37 -5.38
C SER A 179 31.39 2.51 -4.39
N ARG A 180 30.33 3.31 -4.58
CA ARG A 180 30.07 4.44 -3.69
C ARG A 180 29.97 4.01 -2.23
N TRP A 181 29.26 2.92 -1.97
CA TRP A 181 29.22 2.31 -0.65
C TRP A 181 30.62 1.88 -0.19
N GLN A 182 31.28 1.00 -0.96
CA GLN A 182 32.58 0.44 -0.56
C GLN A 182 33.74 1.45 -0.40
N GLN A 183 33.62 2.58 -1.10
CA GLN A 183 34.55 3.70 -0.91
C GLN A 183 34.29 4.46 0.40
N GLY A 184 33.16 4.18 1.04
CA GLY A 184 32.93 4.61 2.39
C GLY A 184 32.23 5.94 2.52
N ASN A 185 31.46 6.32 1.51
CA ASN A 185 30.66 7.54 1.56
C ASN A 185 29.56 7.43 2.58
N VAL A 186 29.18 8.55 3.18
CA VAL A 186 28.14 8.55 4.21
C VAL A 186 26.78 8.93 3.62
N PHE A 187 25.75 8.25 4.08
CA PHE A 187 24.40 8.45 3.61
C PHE A 187 23.53 8.67 4.82
N SER A 188 22.52 9.52 4.69
CA SER A 188 21.67 9.78 5.81
C SER A 188 20.19 9.79 5.43
N CYS A 189 19.40 9.13 6.28
CA CYS A 189 17.96 9.14 6.22
C CYS A 189 17.48 10.15 7.27
N SER A 190 16.82 11.20 6.79
CA SER A 190 16.31 12.22 7.64
C SER A 190 14.78 12.12 7.68
N VAL A 191 14.22 12.17 8.88
CA VAL A 191 12.78 11.96 9.05
C VAL A 191 12.11 13.17 9.72
N MET A 192 10.92 13.51 9.24
CA MET A 192 10.13 14.62 9.78
C MET A 192 8.74 14.19 10.18
N HIS A 193 8.34 14.57 11.38
CA HIS A 193 7.12 14.08 12.01
C HIS A 193 6.85 14.97 13.19
N GLU A 194 5.57 15.21 13.47
CA GLU A 194 5.15 16.10 14.57
C GLU A 194 5.67 15.68 15.95
N ALA A 195 5.86 14.38 16.15
CA ALA A 195 6.19 13.82 17.46
C ALA A 195 7.69 13.81 17.76
N LEU A 196 8.50 14.15 16.75
CA LEU A 196 9.93 14.34 16.90
C LEU A 196 10.26 15.73 17.45
N HIS A 197 11.20 15.76 18.41
CA HIS A 197 11.74 17.01 18.88
C HIS A 197 12.22 17.84 17.70
N ASN A 198 11.83 19.12 17.64
CA ASN A 198 12.08 19.96 16.45
C ASN A 198 11.59 19.34 15.12
N HIS A 199 10.60 18.47 15.20
CA HIS A 199 10.02 17.79 14.04
C HIS A 199 11.03 17.16 13.07
N TYR A 200 12.16 16.72 13.60
CA TYR A 200 13.25 16.31 12.75
C TYR A 200 14.31 15.51 13.50
N THR A 201 14.68 14.39 12.89
CA THR A 201 15.82 13.60 13.33
C THR A 201 16.50 13.08 12.06
N GLN A 202 17.73 12.62 12.21
CA GLN A 202 18.55 12.24 11.07
C GLN A 202 19.47 11.10 11.53
N LYS A 203 19.62 10.10 10.69
CA LYS A 203 20.43 8.93 11.00
C LYS A 203 21.31 8.64 9.80
N SER A 204 22.60 8.44 10.08
CA SER A 204 23.61 8.19 9.06
C SER A 204 23.95 6.71 8.95
N LEU A 205 24.61 6.35 7.86
CA LEU A 205 24.91 4.97 7.54
C LEU A 205 26.10 4.96 6.62
N SER A 206 27.19 4.33 7.04
CA SER A 206 28.37 4.16 6.20
C SER A 206 28.98 2.78 6.39
N LEU A 207 29.79 2.34 5.44
CA LEU A 207 30.58 1.11 5.62
C LEU A 207 31.67 1.44 6.60
N SER A 208 32.02 0.50 7.48
CA SER A 208 33.24 0.63 8.28
C SER A 208 33.86 -0.73 8.55
N GLY B 1 -30.25 -4.92 -9.14
CA GLY B 1 -30.40 -6.36 -9.48
C GLY B 1 -29.12 -7.17 -9.31
N PRO B 2 -29.20 -8.50 -9.54
CA PRO B 2 -28.09 -9.46 -9.42
C PRO B 2 -26.72 -8.94 -9.88
N SER B 3 -25.72 -9.09 -9.03
CA SER B 3 -24.33 -8.78 -9.39
C SER B 3 -23.51 -10.03 -9.25
N VAL B 4 -22.41 -10.11 -10.01
CA VAL B 4 -21.48 -11.22 -9.90
C VAL B 4 -20.04 -10.74 -9.67
N PHE B 5 -19.37 -11.38 -8.71
CA PHE B 5 -17.97 -11.10 -8.40
C PHE B 5 -17.17 -12.37 -8.68
N LEU B 6 -16.06 -12.21 -9.41
CA LEU B 6 -15.20 -13.30 -9.77
C LEU B 6 -13.85 -13.07 -9.09
N PHE B 7 -13.44 -14.01 -8.24
CA PHE B 7 -12.20 -13.89 -7.47
C PHE B 7 -11.23 -14.97 -7.90
N PRO B 8 -9.92 -14.67 -7.87
CA PRO B 8 -8.84 -15.58 -8.24
C PRO B 8 -8.30 -16.41 -7.08
N PRO B 9 -7.43 -17.40 -7.34
CA PRO B 9 -6.88 -18.18 -6.25
C PRO B 9 -5.85 -17.41 -5.43
N LYS B 10 -5.56 -17.89 -4.24
CA LYS B 10 -4.52 -17.25 -3.42
C LYS B 10 -3.19 -17.62 -4.04
N PRO B 11 -2.31 -16.64 -4.25
CA PRO B 11 -1.02 -16.93 -4.87
C PRO B 11 -0.38 -18.23 -4.42
N LYS B 12 -0.27 -18.43 -3.12
CA LYS B 12 0.51 -19.58 -2.65
C LYS B 12 -0.20 -20.90 -2.91
N ASP B 13 -1.53 -20.89 -3.00
CA ASP B 13 -2.25 -22.09 -3.47
C ASP B 13 -1.79 -22.52 -4.86
N THR B 14 -1.52 -21.54 -5.73
CA THR B 14 -1.06 -21.84 -7.08
C THR B 14 0.42 -22.20 -7.08
N LEU B 15 1.16 -21.76 -6.08
CA LEU B 15 2.61 -21.94 -6.08
C LEU B 15 3.08 -23.24 -5.43
N MET B 16 2.21 -23.92 -4.66
CA MET B 16 2.57 -25.19 -4.04
C MET B 16 1.61 -26.29 -4.45
N ILE B 17 2.15 -27.37 -4.97
CA ILE B 17 1.33 -28.43 -5.55
C ILE B 17 0.39 -29.10 -4.55
N SER B 18 0.80 -29.13 -3.29
CA SER B 18 0.00 -29.71 -2.23
C SER B 18 -1.29 -28.94 -1.94
N ARG B 19 -1.36 -27.67 -2.32
CA ARG B 19 -2.52 -26.84 -2.01
C ARG B 19 -3.50 -26.72 -3.18
N THR B 20 -4.72 -26.30 -2.87
CA THR B 20 -5.85 -26.35 -3.80
C THR B 20 -6.29 -24.95 -4.25
N PRO B 21 -5.78 -24.49 -5.39
CA PRO B 21 -6.19 -23.18 -5.86
C PRO B 21 -7.60 -23.20 -6.44
N GLU B 22 -8.36 -22.16 -6.12
CA GLU B 22 -9.74 -22.09 -6.50
C GLU B 22 -10.04 -20.75 -7.13
N VAL B 23 -10.91 -20.77 -8.15
CA VAL B 23 -11.56 -19.59 -8.65
C VAL B 23 -12.98 -19.65 -8.07
N THR B 24 -13.42 -18.54 -7.47
CA THR B 24 -14.65 -18.51 -6.71
C THR B 24 -15.58 -17.46 -7.27
N CYS B 25 -16.73 -17.91 -7.78
CA CYS B 25 -17.74 -17.04 -8.34
C CYS B 25 -18.86 -16.86 -7.32
N VAL B 26 -19.10 -15.62 -6.94
CA VAL B 26 -20.10 -15.29 -5.94
C VAL B 26 -21.19 -14.47 -6.60
N VAL B 27 -22.45 -14.83 -6.32
CA VAL B 27 -23.59 -14.09 -6.84
C VAL B 27 -24.47 -13.60 -5.71
N VAL B 28 -24.81 -12.32 -5.75
CA VAL B 28 -25.50 -11.64 -4.68
C VAL B 28 -26.72 -10.91 -5.21
N ASP B 29 -27.59 -10.49 -4.29
CA ASP B 29 -28.83 -9.79 -4.62
C ASP B 29 -29.64 -10.62 -5.63
N VAL B 30 -29.77 -11.91 -5.35
CA VAL B 30 -30.63 -12.78 -6.14
C VAL B 30 -32.03 -12.65 -5.57
N SER B 31 -33.03 -12.55 -6.45
CA SER B 31 -34.38 -12.17 -6.02
C SER B 31 -34.96 -13.18 -5.05
N HIS B 32 -35.84 -12.71 -4.17
CA HIS B 32 -36.51 -13.56 -3.21
C HIS B 32 -37.47 -14.54 -3.91
N GLU B 33 -38.11 -14.07 -4.97
CA GLU B 33 -39.22 -14.80 -5.61
C GLU B 33 -38.83 -15.72 -6.76
N ASP B 34 -37.88 -15.30 -7.59
CA ASP B 34 -37.37 -16.15 -8.69
C ASP B 34 -35.85 -16.34 -8.63
N PRO B 35 -35.38 -17.15 -7.66
CA PRO B 35 -33.96 -17.23 -7.28
C PRO B 35 -33.05 -18.17 -8.08
N GLU B 36 -33.57 -19.31 -8.53
CA GLU B 36 -32.76 -20.33 -9.22
C GLU B 36 -31.63 -19.72 -10.04
N VAL B 37 -30.38 -20.02 -9.68
CA VAL B 37 -29.23 -19.57 -10.48
C VAL B 37 -28.52 -20.79 -11.08
N LYS B 38 -28.19 -20.70 -12.36
CA LYS B 38 -27.34 -21.70 -13.02
C LYS B 38 -25.92 -21.15 -13.21
N PHE B 39 -24.93 -22.01 -13.02
CA PHE B 39 -23.51 -21.67 -13.21
C PHE B 39 -22.90 -22.47 -14.37
N ASN B 40 -22.36 -21.76 -15.36
CA ASN B 40 -21.52 -22.36 -16.40
C ASN B 40 -20.07 -21.86 -16.24
N TRP B 41 -19.12 -22.76 -16.44
CA TRP B 41 -17.72 -22.43 -16.27
C TRP B 41 -16.98 -22.71 -17.58
N TYR B 42 -15.97 -21.89 -17.88
CA TYR B 42 -15.14 -22.09 -19.08
C TYR B 42 -13.66 -21.80 -18.84
N VAL B 43 -12.80 -22.64 -19.42
CA VAL B 43 -11.35 -22.44 -19.41
C VAL B 43 -10.86 -22.28 -20.85
N ASP B 44 -10.47 -21.04 -21.20
CA ASP B 44 -10.15 -20.64 -22.56
C ASP B 44 -11.27 -20.96 -23.55
N GLY B 45 -12.51 -20.75 -23.13
CA GLY B 45 -13.69 -20.99 -23.97
C GLY B 45 -14.30 -22.38 -23.80
N VAL B 46 -13.53 -23.30 -23.24
CA VAL B 46 -13.90 -24.72 -23.16
C VAL B 46 -14.61 -25.01 -21.84
N GLU B 47 -15.81 -25.55 -21.92
CA GLU B 47 -16.64 -25.77 -20.73
C GLU B 47 -16.06 -26.88 -19.85
N VAL B 48 -16.09 -26.64 -18.53
CA VAL B 48 -15.65 -27.62 -17.54
C VAL B 48 -16.78 -27.84 -16.53
N HIS B 49 -16.85 -29.05 -15.99
CA HIS B 49 -18.07 -29.52 -15.32
C HIS B 49 -17.84 -29.94 -13.87
N ASN B 50 -16.74 -29.50 -13.30
CA ASN B 50 -16.35 -29.91 -11.94
C ASN B 50 -16.49 -28.83 -10.87
N ALA B 51 -17.15 -27.72 -11.18
CA ALA B 51 -17.42 -26.69 -10.18
C ALA B 51 -18.32 -27.26 -9.08
N LYS B 52 -18.08 -26.85 -7.84
CA LYS B 52 -18.89 -27.30 -6.71
C LYS B 52 -19.65 -26.11 -6.11
N THR B 53 -20.90 -25.93 -6.53
CA THR B 53 -21.75 -24.86 -6.02
C THR B 53 -22.29 -25.17 -4.64
N LYS B 54 -22.47 -24.14 -3.82
CA LYS B 54 -23.08 -24.30 -2.51
C LYS B 54 -24.56 -23.89 -2.58
N PRO B 55 -25.41 -24.55 -1.78
CA PRO B 55 -26.80 -24.10 -1.78
C PRO B 55 -26.91 -22.65 -1.32
N ARG B 56 -27.93 -21.97 -1.83
CA ARG B 56 -28.16 -20.55 -1.57
C ARG B 56 -28.12 -20.20 -0.08
N GLU B 57 -27.55 -19.05 0.24
CA GLU B 57 -27.61 -18.51 1.60
C GLU B 57 -28.55 -17.31 1.61
N GLU B 58 -29.70 -17.47 2.26
CA GLU B 58 -30.64 -16.36 2.42
C GLU B 58 -30.10 -15.33 3.42
N GLN B 59 -30.23 -14.06 3.07
CA GLN B 59 -29.63 -12.98 3.87
C GLN B 59 -30.64 -12.47 4.90
N TYR B 60 -30.58 -11.19 5.26
CA TYR B 60 -31.54 -10.57 6.16
C TYR B 60 -32.27 -9.40 5.49
N ASN B 61 -32.20 -9.32 4.17
CA ASN B 61 -32.98 -8.36 3.39
C ASN B 61 -33.71 -9.05 2.22
N SER B 62 -34.22 -10.25 2.51
CA SER B 62 -34.79 -11.18 1.50
C SER B 62 -34.01 -11.18 0.17
N THR B 63 -32.73 -11.53 0.29
CA THR B 63 -31.81 -11.68 -0.84
C THR B 63 -31.00 -12.96 -0.63
N TYR B 64 -30.73 -13.70 -1.70
CA TYR B 64 -29.91 -14.92 -1.60
C TYR B 64 -28.50 -14.67 -2.11
N ARG B 65 -27.54 -15.41 -1.56
CA ARG B 65 -26.14 -15.37 -1.97
C ARG B 65 -25.74 -16.80 -2.31
N VAL B 66 -25.27 -17.02 -3.55
CA VAL B 66 -24.94 -18.36 -4.04
C VAL B 66 -23.51 -18.38 -4.55
N VAL B 67 -22.65 -19.09 -3.82
CA VAL B 67 -21.26 -19.19 -4.16
C VAL B 67 -21.04 -20.42 -5.04
N SER B 68 -20.01 -20.36 -5.89
CA SER B 68 -19.64 -21.49 -6.75
C SER B 68 -18.11 -21.53 -6.89
N VAL B 69 -17.51 -22.66 -6.50
CA VAL B 69 -16.06 -22.78 -6.47
C VAL B 69 -15.57 -23.72 -7.56
N LEU B 70 -14.59 -23.26 -8.34
CA LEU B 70 -13.92 -24.08 -9.35
C LEU B 70 -12.47 -24.33 -9.00
N THR B 71 -12.13 -25.59 -8.76
CA THR B 71 -10.76 -25.98 -8.59
C THR B 71 -10.04 -25.86 -9.92
N VAL B 72 -8.81 -25.35 -9.86
CA VAL B 72 -8.03 -25.05 -11.06
C VAL B 72 -6.69 -25.76 -11.00
N LEU B 73 -6.16 -26.19 -12.15
CA LEU B 73 -4.83 -26.77 -12.18
C LEU B 73 -3.81 -25.66 -11.97
N HIS B 74 -2.78 -25.95 -11.18
CA HIS B 74 -1.78 -24.95 -10.82
C HIS B 74 -1.20 -24.44 -12.10
N GLN B 75 -0.74 -25.35 -12.94
CA GLN B 75 0.01 -24.91 -14.10
C GLN B 75 -0.88 -24.18 -15.11
N ASP B 76 -2.18 -24.39 -15.07
CA ASP B 76 -3.06 -23.64 -15.97
C ASP B 76 -3.10 -22.17 -15.59
N TRP B 77 -3.30 -21.90 -14.31
CA TRP B 77 -3.36 -20.51 -13.86
C TRP B 77 -2.05 -19.79 -14.16
N LEU B 78 -0.93 -20.42 -13.82
CA LEU B 78 0.40 -19.87 -14.04
C LEU B 78 0.69 -19.69 -15.51
N ASN B 79 0.08 -20.49 -16.36
CA ASN B 79 0.27 -20.39 -17.80
C ASN B 79 -0.71 -19.43 -18.47
N GLY B 80 -1.45 -18.66 -17.68
CA GLY B 80 -2.30 -17.58 -18.17
C GLY B 80 -3.65 -17.96 -18.77
N LYS B 81 -4.16 -19.17 -18.49
CA LYS B 81 -5.51 -19.55 -18.97
C LYS B 81 -6.59 -18.69 -18.35
N GLU B 82 -7.69 -18.52 -19.08
CA GLU B 82 -8.76 -17.59 -18.75
C GLU B 82 -9.98 -18.31 -18.19
N TYR B 83 -10.49 -17.84 -17.06
CA TYR B 83 -11.57 -18.50 -16.38
C TYR B 83 -12.83 -17.66 -16.45
N LYS B 84 -13.84 -18.19 -17.16
CA LYS B 84 -15.10 -17.48 -17.34
C LYS B 84 -16.19 -18.11 -16.50
N CYS B 85 -16.84 -17.27 -15.70
CA CYS B 85 -18.02 -17.64 -14.93
C CYS B 85 -19.22 -17.03 -15.63
N LYS B 86 -20.21 -17.86 -15.97
CA LYS B 86 -21.47 -17.42 -16.57
C LYS B 86 -22.61 -17.72 -15.60
N VAL B 87 -23.32 -16.67 -15.17
CA VAL B 87 -24.47 -16.81 -14.27
C VAL B 87 -25.76 -16.39 -14.98
N SER B 88 -26.73 -17.30 -15.04
CA SER B 88 -28.06 -16.99 -15.59
C SER B 88 -29.12 -16.96 -14.50
N ASN B 89 -30.23 -16.28 -14.80
CA ASN B 89 -31.32 -16.04 -13.85
C ASN B 89 -32.54 -15.48 -14.60
N LYS B 90 -33.76 -15.81 -14.17
CA LYS B 90 -34.98 -15.34 -14.86
C LYS B 90 -35.09 -13.82 -14.77
N ALA B 91 -34.65 -13.25 -13.66
CA ALA B 91 -34.71 -11.80 -13.42
C ALA B 91 -33.59 -11.02 -14.13
N LEU B 92 -32.78 -11.71 -14.93
CA LEU B 92 -31.83 -11.06 -15.83
C LEU B 92 -32.41 -11.06 -17.25
N PRO B 93 -32.04 -10.05 -18.06
CA PRO B 93 -32.35 -10.10 -19.49
C PRO B 93 -31.32 -10.94 -20.24
N ALA B 94 -30.04 -10.62 -20.05
CA ALA B 94 -28.95 -11.38 -20.62
C ALA B 94 -28.20 -12.06 -19.47
N PRO B 95 -27.71 -13.30 -19.68
CA PRO B 95 -26.90 -13.90 -18.61
C PRO B 95 -25.61 -13.10 -18.43
N ILE B 96 -25.17 -12.93 -17.19
CA ILE B 96 -23.96 -12.16 -16.87
C ILE B 96 -22.72 -13.07 -16.94
N GLU B 97 -21.68 -12.58 -17.64
CA GLU B 97 -20.41 -13.28 -17.74
C GLU B 97 -19.25 -12.45 -17.20
N LYS B 98 -18.37 -13.09 -16.43
CA LYS B 98 -17.16 -12.46 -15.91
C LYS B 98 -15.95 -13.32 -16.26
N THR B 99 -14.84 -12.68 -16.60
CA THR B 99 -13.60 -13.37 -16.96
C THR B 99 -12.47 -12.93 -16.04
N ILE B 100 -11.56 -13.86 -15.78
CA ILE B 100 -10.44 -13.61 -14.89
C ILE B 100 -9.22 -14.45 -15.30
N SER B 101 -8.04 -13.89 -15.11
CA SER B 101 -6.79 -14.58 -15.41
C SER B 101 -5.65 -13.88 -14.69
N LYS B 102 -4.53 -14.58 -14.55
CA LYS B 102 -3.33 -14.08 -13.86
C LYS B 102 -2.80 -12.78 -14.45
N ALA B 103 -2.20 -11.94 -13.61
CA ALA B 103 -1.57 -10.69 -14.06
C ALA B 103 -0.54 -11.02 -15.13
N LYS B 104 -0.62 -10.32 -16.24
CA LYS B 104 0.32 -10.48 -17.35
C LYS B 104 1.63 -9.77 -17.07
N GLY B 105 2.61 -9.98 -17.93
CA GLY B 105 3.94 -9.38 -17.79
C GLY B 105 5.05 -10.39 -17.65
N GLN B 106 6.22 -10.02 -18.14
CA GLN B 106 7.41 -10.86 -18.11
C GLN B 106 7.82 -11.08 -16.68
N PRO B 107 7.85 -12.35 -16.24
CA PRO B 107 8.25 -12.68 -14.88
C PRO B 107 9.68 -12.28 -14.56
N ARG B 108 9.94 -11.90 -13.32
CA ARG B 108 11.29 -11.58 -12.91
C ARG B 108 11.49 -12.15 -11.54
N GLU B 109 12.63 -12.80 -11.35
CA GLU B 109 12.93 -13.51 -10.10
C GLU B 109 13.20 -12.54 -8.96
N PRO B 110 12.47 -12.68 -7.84
CA PRO B 110 12.82 -11.89 -6.64
C PRO B 110 14.20 -12.23 -6.11
N GLN B 111 14.88 -11.22 -5.58
CA GLN B 111 16.11 -11.38 -4.80
C GLN B 111 15.74 -11.18 -3.35
N VAL B 112 16.27 -12.04 -2.48
CA VAL B 112 15.84 -12.06 -1.08
C VAL B 112 17.05 -11.81 -0.15
N TYR B 113 16.87 -10.88 0.78
CA TYR B 113 17.94 -10.46 1.69
C TYR B 113 17.41 -10.21 3.08
N THR B 114 17.99 -10.93 4.05
CA THR B 114 17.66 -10.73 5.46
C THR B 114 18.61 -9.67 6.04
N LEU B 115 18.03 -8.73 6.78
CA LEU B 115 18.79 -7.68 7.45
C LEU B 115 18.55 -7.78 8.96
N PRO B 116 19.63 -7.81 9.74
CA PRO B 116 19.46 -7.85 11.19
C PRO B 116 19.03 -6.47 11.72
N PRO B 117 18.76 -6.37 13.04
CA PRO B 117 18.38 -5.08 13.62
C PRO B 117 19.54 -4.11 13.73
N SER B 118 19.29 -2.83 13.49
CA SER B 118 20.25 -1.77 13.80
C SER B 118 20.71 -1.90 15.25
N ARG B 119 21.96 -1.56 15.53
CA ARG B 119 22.46 -1.63 16.90
C ARG B 119 21.70 -0.66 17.82
N ASP B 120 21.14 0.40 17.23
CA ASP B 120 20.35 1.38 17.99
C ASP B 120 19.05 0.79 18.53
N GLU B 121 18.60 -0.34 18.00
CA GLU B 121 17.37 -0.96 18.45
C GLU B 121 17.57 -1.91 19.65
N LEU B 122 18.81 -2.30 19.93
CA LEU B 122 19.09 -3.28 21.00
C LEU B 122 18.83 -2.75 22.43
N THR B 123 18.52 -1.47 22.56
CA THR B 123 18.10 -0.94 23.84
C THR B 123 16.60 -1.17 24.10
N LYS B 124 15.90 -1.85 23.19
CA LYS B 124 14.44 -2.07 23.34
C LYS B 124 14.12 -3.53 23.70
N ASN B 125 12.95 -3.74 24.30
CA ASN B 125 12.46 -5.08 24.63
C ASN B 125 12.39 -5.99 23.38
N GLN B 126 11.91 -5.42 22.28
CA GLN B 126 11.73 -6.16 21.04
C GLN B 126 12.56 -5.58 19.92
N VAL B 127 13.02 -6.46 19.03
CA VAL B 127 13.86 -6.07 17.91
C VAL B 127 13.20 -6.43 16.61
N SER B 128 13.69 -5.82 15.54
CA SER B 128 13.10 -5.98 14.22
C SER B 128 14.08 -6.75 13.36
N LEU B 129 13.58 -7.84 12.79
CA LEU B 129 14.31 -8.62 11.80
C LEU B 129 13.61 -8.32 10.49
N THR B 130 14.40 -8.01 9.47
CA THR B 130 13.89 -7.47 8.22
C THR B 130 14.25 -8.34 7.03
N CYS B 131 13.27 -8.57 6.17
CA CYS B 131 13.47 -9.28 4.93
C CYS B 131 13.14 -8.34 3.77
N LEU B 132 14.14 -8.05 2.94
CA LEU B 132 13.93 -7.28 1.71
C LEU B 132 13.79 -8.26 0.56
N VAL B 133 12.75 -8.08 -0.25
CA VAL B 133 12.49 -8.88 -1.44
C VAL B 133 12.32 -7.88 -2.57
N LYS B 134 13.24 -7.88 -3.55
CA LYS B 134 13.17 -6.95 -4.64
C LYS B 134 13.40 -7.60 -5.99
N GLY B 135 13.09 -6.86 -7.04
CA GLY B 135 13.27 -7.31 -8.39
C GLY B 135 12.19 -8.25 -8.88
N PHE B 136 11.09 -8.38 -8.15
CA PHE B 136 10.08 -9.35 -8.59
C PHE B 136 8.95 -8.83 -9.47
N TYR B 137 8.50 -9.69 -10.37
CA TYR B 137 7.34 -9.39 -11.19
C TYR B 137 6.73 -10.73 -11.55
N PRO B 138 5.40 -10.86 -11.52
CA PRO B 138 4.42 -9.85 -11.13
C PRO B 138 4.34 -9.76 -9.62
N SER B 139 3.45 -8.90 -9.12
CA SER B 139 3.43 -8.54 -7.71
C SER B 139 2.90 -9.64 -6.79
N ASP B 140 2.24 -10.65 -7.37
CA ASP B 140 1.71 -11.78 -6.63
C ASP B 140 2.83 -12.56 -5.94
N ILE B 141 2.76 -12.62 -4.61
CA ILE B 141 3.84 -13.20 -3.82
C ILE B 141 3.38 -13.54 -2.40
N ALA B 142 4.07 -14.50 -1.79
CA ALA B 142 3.88 -14.86 -0.39
C ALA B 142 5.23 -14.83 0.36
N VAL B 143 5.28 -14.12 1.49
CA VAL B 143 6.48 -14.04 2.33
C VAL B 143 6.13 -14.38 3.78
N GLU B 144 6.93 -15.22 4.41
CA GLU B 144 6.55 -15.82 5.69
C GLU B 144 7.79 -16.05 6.50
N TRP B 145 7.65 -16.02 7.83
CA TRP B 145 8.79 -16.16 8.71
C TRP B 145 8.58 -17.38 9.59
N GLU B 146 9.68 -18.02 9.98
CA GLU B 146 9.64 -19.18 10.89
C GLU B 146 10.94 -19.35 11.66
N SER B 147 10.90 -20.23 12.65
CA SER B 147 12.06 -20.55 13.47
C SER B 147 11.84 -21.92 14.11
N ASN B 148 12.85 -22.79 14.04
CA ASN B 148 12.79 -24.16 14.57
C ASN B 148 11.62 -24.97 13.99
N GLY B 149 11.35 -24.78 12.70
CA GLY B 149 10.23 -25.46 12.04
C GLY B 149 8.86 -25.29 12.72
N GLN B 150 8.62 -24.08 13.23
CA GLN B 150 7.31 -23.62 13.66
C GLN B 150 7.17 -22.24 12.99
N PRO B 151 5.98 -21.90 12.47
CA PRO B 151 5.85 -20.53 11.93
C PRO B 151 6.01 -19.47 13.02
N GLU B 152 6.61 -18.35 12.64
CA GLU B 152 6.82 -17.23 13.52
C GLU B 152 5.86 -16.20 13.04
N ASN B 153 4.84 -15.94 13.84
CA ASN B 153 3.86 -14.96 13.45
C ASN B 153 3.76 -13.90 14.58
N ASN B 154 4.69 -12.96 14.51
CA ASN B 154 4.44 -11.58 14.89
C ASN B 154 5.14 -10.71 13.83
N TYR B 155 4.67 -10.81 12.58
CA TYR B 155 5.26 -10.04 11.48
C TYR B 155 4.23 -9.36 10.58
N LYS B 156 4.62 -8.25 9.95
CA LYS B 156 3.77 -7.61 8.94
C LYS B 156 4.62 -7.21 7.75
N ALA B 157 4.07 -7.33 6.56
CA ALA B 157 4.79 -6.96 5.36
C ALA B 157 4.18 -5.69 4.76
N THR B 158 4.98 -4.95 4.01
CA THR B 158 4.49 -3.81 3.26
C THR B 158 3.83 -4.30 1.98
N PRO B 159 2.95 -3.50 1.38
CA PRO B 159 2.52 -3.85 0.04
C PRO B 159 3.69 -3.91 -0.94
N PRO B 160 3.51 -4.56 -2.09
CA PRO B 160 4.56 -4.44 -3.12
C PRO B 160 4.60 -3.01 -3.58
N VAL B 161 5.78 -2.51 -3.92
CA VAL B 161 5.90 -1.14 -4.38
C VAL B 161 6.61 -1.18 -5.70
N LEU B 162 6.13 -0.38 -6.64
CA LEU B 162 6.71 -0.34 -7.96
C LEU B 162 8.06 0.37 -7.81
N ASP B 163 9.13 -0.31 -8.22
CA ASP B 163 10.48 0.25 -8.16
C ASP B 163 10.80 1.01 -9.46
N SER B 164 11.97 1.61 -9.55
CA SER B 164 12.27 2.53 -10.66
C SER B 164 12.71 1.80 -11.90
N ASP B 165 12.42 0.50 -11.97
CA ASP B 165 12.78 -0.29 -13.12
C ASP B 165 11.62 -1.22 -13.55
N GLY B 166 10.40 -0.97 -13.08
CA GLY B 166 9.25 -1.80 -13.44
C GLY B 166 9.05 -3.04 -12.57
N SER B 167 10.07 -3.43 -11.80
CA SER B 167 9.93 -4.55 -10.90
C SER B 167 9.28 -4.07 -9.61
N PHE B 168 8.89 -5.00 -8.75
CA PHE B 168 8.33 -4.66 -7.44
C PHE B 168 9.34 -5.04 -6.37
N PHE B 169 9.36 -4.29 -5.26
CA PHE B 169 9.94 -4.76 -4.02
C PHE B 169 8.94 -4.72 -2.88
N LEU B 170 9.23 -5.47 -1.83
CA LEU B 170 8.58 -5.23 -0.54
C LEU B 170 9.49 -5.55 0.63
N TYR B 171 9.06 -5.14 1.83
CA TYR B 171 9.74 -5.53 3.06
C TYR B 171 8.75 -6.22 3.99
N SER B 172 9.27 -7.17 4.76
CA SER B 172 8.49 -7.83 5.80
C SER B 172 9.27 -7.70 7.07
N LYS B 173 8.61 -7.20 8.12
CA LYS B 173 9.28 -6.98 9.41
C LYS B 173 8.81 -8.02 10.39
N LEU B 174 9.74 -8.78 10.97
CA LEU B 174 9.43 -9.70 12.08
C LEU B 174 9.87 -9.08 13.40
N THR B 175 8.99 -9.12 14.40
CA THR B 175 9.27 -8.58 15.72
C THR B 175 9.36 -9.74 16.71
N VAL B 176 10.49 -9.80 17.44
CA VAL B 176 10.76 -10.85 18.40
C VAL B 176 11.35 -10.27 19.69
N ASP B 177 11.20 -10.98 20.79
CA ASP B 177 11.81 -10.54 22.02
C ASP B 177 13.32 -10.42 21.84
N LYS B 178 13.90 -9.31 22.28
CA LYS B 178 15.34 -9.12 22.20
C LYS B 178 16.10 -10.35 22.71
N SER B 179 15.63 -10.93 23.82
CA SER B 179 16.30 -12.10 24.43
C SER B 179 16.42 -13.27 23.45
N ARG B 180 15.37 -13.49 22.67
CA ARG B 180 15.40 -14.60 21.69
C ARG B 180 16.45 -14.38 20.61
N TRP B 181 16.63 -13.14 20.16
CA TRP B 181 17.70 -12.80 19.22
C TRP B 181 19.07 -12.96 19.85
N GLN B 182 19.22 -12.48 21.09
CA GLN B 182 20.51 -12.50 21.78
C GLN B 182 21.01 -13.92 22.03
N GLN B 183 20.08 -14.87 22.12
CA GLN B 183 20.40 -16.26 22.42
C GLN B 183 20.75 -17.10 21.20
N GLY B 184 20.80 -16.48 20.01
CA GLY B 184 21.35 -17.14 18.81
C GLY B 184 20.36 -17.97 18.01
N ASN B 185 19.06 -17.75 18.23
CA ASN B 185 18.05 -18.47 17.46
C ASN B 185 18.11 -18.05 16.00
N VAL B 186 17.91 -19.01 15.09
CA VAL B 186 17.86 -18.74 13.66
C VAL B 186 16.44 -18.46 13.23
N PHE B 187 16.24 -17.36 12.52
CA PHE B 187 14.95 -17.03 11.94
C PHE B 187 15.07 -17.08 10.45
N SER B 188 14.02 -17.50 9.76
CA SER B 188 14.08 -17.60 8.31
C SER B 188 12.93 -16.95 7.58
N CYS B 189 13.28 -16.37 6.45
CA CYS B 189 12.36 -15.66 5.64
C CYS B 189 12.13 -16.48 4.38
N SER B 190 10.96 -17.11 4.30
CA SER B 190 10.49 -17.89 3.16
C SER B 190 9.83 -16.98 2.13
N VAL B 191 10.24 -17.12 0.87
CA VAL B 191 9.59 -16.41 -0.23
C VAL B 191 9.11 -17.39 -1.31
N MET B 192 7.89 -17.15 -1.79
CA MET B 192 7.26 -17.95 -2.83
C MET B 192 6.75 -17.05 -3.94
N HIS B 193 7.17 -17.38 -5.15
CA HIS B 193 6.91 -16.55 -6.29
C HIS B 193 7.06 -17.40 -7.54
N GLU B 194 6.30 -17.09 -8.58
CA GLU B 194 6.28 -17.91 -9.79
C GLU B 194 7.64 -17.94 -10.50
N ALA B 195 8.47 -16.92 -10.28
CA ALA B 195 9.71 -16.80 -11.04
C ALA B 195 10.92 -17.46 -10.33
N LEU B 196 10.70 -17.92 -9.10
CA LEU B 196 11.72 -18.67 -8.36
C LEU B 196 11.73 -20.12 -8.78
N HIS B 197 12.92 -20.69 -8.91
CA HIS B 197 13.06 -22.14 -9.06
C HIS B 197 12.32 -22.84 -7.94
N ASN B 198 11.50 -23.81 -8.34
CA ASN B 198 10.61 -24.53 -7.43
C ASN B 198 9.63 -23.64 -6.67
N HIS B 199 9.42 -22.43 -7.16
CA HIS B 199 8.54 -21.42 -6.55
C HIS B 199 8.88 -21.12 -5.10
N TYR B 200 10.13 -21.34 -4.70
CA TYR B 200 10.50 -21.17 -3.30
C TYR B 200 11.95 -20.78 -3.19
N THR B 201 12.22 -19.90 -2.23
CA THR B 201 13.56 -19.71 -1.71
C THR B 201 13.46 -19.27 -0.23
N GLN B 202 14.54 -19.40 0.52
CA GLN B 202 14.52 -19.15 1.97
C GLN B 202 15.86 -18.59 2.37
N LYS B 203 15.83 -17.61 3.26
CA LYS B 203 17.06 -16.94 3.71
C LYS B 203 17.02 -16.88 5.24
N SER B 204 18.18 -17.03 5.88
CA SER B 204 18.22 -17.11 7.35
C SER B 204 18.97 -15.96 8.00
N LEU B 205 18.76 -15.81 9.31
CA LEU B 205 19.27 -14.64 10.03
C LEU B 205 19.52 -15.05 11.49
N SER B 206 20.75 -14.86 11.97
CA SER B 206 21.17 -15.20 13.34
C SER B 206 22.12 -14.14 13.88
N LEU B 207 22.24 -14.07 15.20
CA LEU B 207 23.13 -13.13 15.86
C LEU B 207 24.59 -13.55 15.74
N SER B 208 25.46 -12.57 15.46
CA SER B 208 26.92 -12.77 15.43
C SER B 208 27.60 -12.22 16.69
N PRO B 209 28.09 -13.10 17.57
CA PRO B 209 28.82 -12.58 18.76
C PRO B 209 30.24 -12.13 18.42
C1 NAG C . -12.96 15.81 -16.52
C2 NAG C . -13.59 14.68 -15.71
C3 NAG C . -13.46 14.95 -14.21
C4 NAG C . -11.97 15.14 -13.87
C5 NAG C . -11.44 16.26 -14.75
C6 NAG C . -9.99 16.60 -14.47
C7 NAG C . -15.62 13.35 -16.24
C8 NAG C . -14.90 12.05 -16.01
N2 NAG C . -14.99 14.52 -16.09
O3 NAG C . -14.06 13.92 -13.45
O4 NAG C . -11.76 15.47 -12.50
O5 NAG C . -11.61 15.93 -16.12
O6 NAG C . -9.21 15.44 -14.53
O7 NAG C . -16.80 13.33 -16.56
C1 NAG C . -11.39 14.33 -11.67
C2 NAG C . -10.34 14.76 -10.63
C3 NAG C . -9.99 13.64 -9.66
C4 NAG C . -11.24 12.96 -9.11
C5 NAG C . -12.23 12.63 -10.24
C6 NAG C . -13.52 12.00 -9.67
C7 NAG C . -8.70 16.49 -11.14
C8 NAG C . -7.43 16.84 -11.88
N2 NAG C . -9.13 15.23 -11.28
O3 NAG C . -9.28 14.23 -8.61
O4 NAG C . -10.90 11.79 -8.37
O5 NAG C . -12.51 13.79 -11.00
O6 NAG C . -14.67 12.36 -10.40
O7 NAG C . -9.29 17.33 -10.47
C1 BMA C . -10.64 12.01 -6.97
C2 BMA C . -11.22 10.87 -6.15
C3 BMA C . -10.94 11.09 -4.66
C4 BMA C . -9.45 11.34 -4.46
C5 BMA C . -8.95 12.47 -5.36
C6 BMA C . -7.46 12.74 -5.22
O2 BMA C . -10.69 9.61 -6.58
O3 BMA C . -11.36 9.98 -3.85
O4 BMA C . -9.23 11.68 -3.09
O5 BMA C . -9.24 12.13 -6.72
O6 BMA C . -6.72 11.58 -5.61
C1 MAN C . -5.29 11.71 -5.47
C2 MAN C . -4.76 10.47 -6.16
C3 MAN C . -5.15 9.24 -5.35
C4 MAN C . -4.72 9.37 -3.89
C5 MAN C . -5.24 10.68 -3.29
C6 MAN C . -4.61 10.92 -1.91
O2 MAN C . -3.36 10.56 -6.31
O3 MAN C . -4.61 8.08 -5.97
O4 MAN C . -5.38 8.35 -3.18
O5 MAN C . -4.89 11.77 -4.12
O6 MAN C . -3.20 11.07 -2.04
C1 MAN C . -2.46 10.99 -0.79
C2 MAN C . -0.97 10.92 -1.10
C3 MAN C . -0.64 9.60 -1.79
C4 MAN C . -1.10 8.45 -0.92
C5 MAN C . -2.59 8.62 -0.60
C6 MAN C . -3.09 7.51 0.32
O2 MAN C . -0.19 10.95 0.09
O3 MAN C . 0.76 9.53 -2.00
O4 MAN C . -0.95 7.27 -1.65
O5 MAN C . -2.83 9.87 0.00
O6 MAN C . -3.68 8.08 1.46
C1 MAN C . 0.45 12.22 0.38
C2 MAN C . 1.67 11.96 1.26
C3 MAN C . 1.26 11.49 2.67
C4 MAN C . 0.26 12.45 3.29
C5 MAN C . -0.91 12.69 2.32
C6 MAN C . -1.90 13.73 2.82
O2 MAN C . 2.44 13.14 1.35
O3 MAN C . 2.37 11.47 3.51
O4 MAN C . -0.20 11.89 4.50
O5 MAN C . -0.45 13.09 1.03
O6 MAN C . -3.10 13.51 2.12
C1 MAN C . -5.65 7.24 -6.53
C2 MAN C . -5.54 5.85 -5.90
C3 MAN C . -4.24 5.19 -6.36
C4 MAN C . -4.19 5.17 -7.88
C5 MAN C . -4.37 6.59 -8.43
C6 MAN C . -4.43 6.61 -9.96
O2 MAN C . -6.63 5.04 -6.30
O3 MAN C . -4.13 3.91 -5.79
O4 MAN C . -2.93 4.66 -8.28
O5 MAN C . -5.58 7.15 -7.94
O6 MAN C . -4.46 7.96 -10.40
C1 MAN C . -12.71 10.11 -3.35
C2 MAN C . -12.95 9.10 -2.23
C3 MAN C . -12.96 7.68 -2.83
C4 MAN C . -14.00 7.58 -3.93
C5 MAN C . -13.73 8.66 -4.98
C6 MAN C . -14.79 8.62 -6.08
O2 MAN C . -14.17 9.46 -1.61
O3 MAN C . -13.19 6.69 -1.85
O4 MAN C . -13.94 6.30 -4.53
O5 MAN C . -13.69 9.94 -4.36
O6 MAN C . -14.69 9.77 -6.90
C1 MAN C . -14.43 8.85 -0.31
C2 MAN C . -15.75 8.08 -0.42
C3 MAN C . -16.95 9.03 -0.49
C4 MAN C . -16.89 10.01 0.69
C5 MAN C . -15.53 10.72 0.74
C6 MAN C . -15.47 11.66 1.97
O2 MAN C . -15.88 7.19 0.67
O3 MAN C . -18.17 8.32 -0.47
O4 MAN C . -17.95 10.95 0.60
O5 MAN C . -14.47 9.77 0.77
O6 MAN C . -14.18 11.64 2.56
C1 NAG D . -28.67 -7.11 1.34
C2 NAG D . -27.95 -6.14 0.40
C3 NAG D . -26.71 -6.72 -0.26
C4 NAG D . -25.78 -7.36 0.78
C5 NAG D . -26.57 -8.30 1.72
C6 NAG D . -25.71 -8.67 2.93
C7 NAG D . -29.42 -4.47 -0.59
C8 NAG D . -29.09 -3.54 0.54
N2 NAG D . -28.88 -5.69 -0.62
O3 NAG D . -26.06 -5.67 -0.98
O4 NAG D . -24.76 -8.11 0.14
O5 NAG D . -27.78 -7.77 2.22
O6 NAG D . -25.59 -7.53 3.78
O7 NAG D . -30.20 -4.11 -1.47
C1 NAG D . -23.51 -7.38 0.00
C2 NAG D . -22.33 -8.35 0.08
C3 NAG D . -20.99 -7.67 -0.28
C4 NAG D . -21.12 -6.71 -1.49
C5 NAG D . -22.34 -5.81 -1.30
C6 NAG D . -22.56 -4.76 -2.40
C7 NAG D . -22.13 -10.24 1.72
C8 NAG D . -22.11 -10.64 3.17
N2 NAG D . -22.28 -8.93 1.43
O3 NAG D . -19.95 -8.62 -0.50
O4 NAG D . -19.95 -5.90 -1.65
O5 NAG D . -23.48 -6.65 -1.21
O6 NAG D . -22.04 -5.15 -3.66
O7 NAG D . -22.02 -11.12 0.87
C1 BMA D . -18.86 -6.52 -2.35
C2 BMA D . -18.39 -5.59 -3.47
C3 BMA D . -17.18 -6.15 -4.19
C4 BMA D . -16.08 -6.47 -3.18
C5 BMA D . -16.61 -7.42 -2.12
C6 BMA D . -15.52 -7.75 -1.09
O2 BMA D . -18.05 -4.29 -2.94
O3 BMA D . -16.73 -5.20 -5.17
O4 BMA D . -14.95 -7.05 -3.83
O5 BMA D . -17.76 -6.86 -1.48
O6 BMA D . -14.80 -8.91 -1.48
#